data_1DEO
#
_entry.id   1DEO
#
_cell.length_a   52.14
_cell.length_b   56.87
_cell.length_c   71.89
_cell.angle_alpha   90.0
_cell.angle_beta   90.0
_cell.angle_gamma   90.0
#
_symmetry.space_group_name_H-M   'P 21 21 21'
#
loop_
_entity.id
_entity.type
_entity.pdbx_description
1 polymer 'RHAMNOGALACTURONAN ACETYLESTERASE'
2 branched alpha-D-mannopyranose-(1-3)-[alpha-D-mannopyranose-(1-6)]beta-D-mannopyranose-(1-6)-beta-D-mannopyranose-(1-4)-2-acetamido-2-deoxy-beta-D-glucopyranose-(1-4)-2-acetamido-2-deoxy-beta-D-glucopyranose
3 non-polymer 2-acetamido-2-deoxy-beta-D-glucopyranose
4 non-polymer 'SULFATE ION'
5 water water
#
_entity_poly.entity_id   1
_entity_poly.type   'polypeptide(L)'
_entity_poly.pdbx_seq_one_letter_code
;TTVYLAGDSTMAKNGGGSGTNGWGEYLASYLSATVVNDAVAGRSARSYTREGRFENIADVVTAGDYVIVEFGHNDGGSLS
TDNGRTDCSGTGAEVCYSVYDGVNETILTFPAYLENAAKLFTAKGAKVILSSQTPNNPWETGTFVNSPTRFVEYAELAAE
VAGVEYVDHWSYVDSIYETLGNATVNSYFPIDHTHTSPAGAEVVAEAFLKAVVCTGTSLKSVLTTTSFEGTCL
;
_entity_poly.pdbx_strand_id   A
#
# COMPACT_ATOMS: atom_id res chain seq x y z
N THR A 1 -5.37 3.02 21.00
CA THR A 1 -4.84 2.29 19.82
C THR A 1 -4.73 3.25 18.65
N THR A 2 -3.61 3.17 17.95
CA THR A 2 -3.40 4.03 16.81
C THR A 2 -3.04 3.15 15.64
N VAL A 3 -3.49 3.54 14.45
CA VAL A 3 -3.20 2.81 13.24
C VAL A 3 -2.36 3.72 12.37
N TYR A 4 -1.12 3.31 12.10
CA TYR A 4 -0.23 4.08 11.23
C TYR A 4 -0.28 3.54 9.81
N LEU A 5 -0.37 4.45 8.84
CA LEU A 5 -0.41 4.09 7.44
C LEU A 5 0.87 4.55 6.73
N ALA A 6 1.47 3.66 5.94
CA ALA A 6 2.66 3.97 5.17
C ALA A 6 2.33 3.54 3.73
N GLY A 7 2.48 4.48 2.80
CA GLY A 7 2.16 4.21 1.42
C GLY A 7 2.51 5.42 0.56
N ASP A 8 1.96 5.44 -0.66
CA ASP A 8 2.23 6.47 -1.64
C ASP A 8 1.00 7.36 -1.96
N SER A 9 0.98 7.98 -3.14
CA SER A 9 -0.14 8.85 -3.51
C SER A 9 -1.49 8.14 -3.60
N THR A 10 -1.50 6.82 -3.73
CA THR A 10 -2.77 6.13 -3.79
C THR A 10 -3.43 6.00 -2.41
N MET A 11 -2.64 6.27 -1.37
CA MET A 11 -3.07 6.19 0.02
C MET A 11 -3.06 7.55 0.73
N ALA A 12 -2.15 8.41 0.28
CA ALA A 12 -1.95 9.73 0.91
C ALA A 12 -3.06 10.78 0.82
N LYS A 13 -3.08 11.67 1.81
CA LYS A 13 -3.99 12.81 1.83
C LYS A 13 -3.64 13.64 0.57
N ASN A 14 -4.67 13.99 -0.22
CA ASN A 14 -4.55 14.77 -1.46
C ASN A 14 -4.08 13.97 -2.66
N GLY A 15 -4.03 12.65 -2.51
CA GLY A 15 -3.65 11.76 -3.59
C GLY A 15 -2.49 12.25 -4.44
N GLY A 16 -2.70 12.30 -5.77
CA GLY A 16 -1.68 12.78 -6.68
C GLY A 16 -2.00 14.19 -7.15
N GLY A 17 -2.69 14.96 -6.31
CA GLY A 17 -3.08 16.33 -6.63
C GLY A 17 -4.29 16.41 -7.56
N SER A 18 -4.58 17.62 -8.03
CA SER A 18 -5.67 17.86 -8.98
C SER A 18 -7.03 17.24 -8.62
N GLY A 19 -7.43 17.37 -7.36
CA GLY A 19 -8.71 16.83 -6.94
C GLY A 19 -8.80 15.34 -6.69
N THR A 20 -7.66 14.65 -6.64
CA THR A 20 -7.62 13.21 -6.37
C THR A 20 -7.33 13.05 -4.87
N ASN A 21 -7.57 11.87 -4.33
CA ASN A 21 -7.31 11.68 -2.92
C ASN A 21 -6.87 10.25 -2.74
N GLY A 22 -6.30 9.97 -1.58
CA GLY A 22 -5.83 8.62 -1.27
C GLY A 22 -6.81 7.88 -0.38
N TRP A 23 -6.78 6.55 -0.45
CA TRP A 23 -7.70 5.72 0.32
C TRP A 23 -7.55 5.79 1.84
N GLY A 24 -6.37 6.18 2.31
CA GLY A 24 -6.10 6.27 3.74
C GLY A 24 -6.96 7.32 4.41
N GLU A 25 -7.44 8.26 3.61
CA GLU A 25 -8.27 9.35 4.11
C GLU A 25 -9.72 8.95 4.42
N TYR A 26 -10.10 7.72 4.05
CA TYR A 26 -11.46 7.22 4.22
C TYR A 26 -11.57 6.06 5.22
N LEU A 27 -10.49 5.78 5.92
CA LEU A 27 -10.46 4.67 6.87
C LEU A 27 -11.00 5.01 8.24
N ALA A 28 -10.65 6.19 8.74
CA ALA A 28 -11.02 6.60 10.09
C ALA A 28 -12.49 6.47 10.41
N SER A 29 -13.38 6.75 9.45
CA SER A 29 -14.82 6.63 9.66
C SER A 29 -15.25 5.24 10.09
N TYR A 30 -14.49 4.23 9.67
CA TYR A 30 -14.81 2.84 9.95
C TYR A 30 -14.03 2.16 11.06
N LEU A 31 -13.13 2.88 11.73
CA LEU A 31 -12.36 2.30 12.82
C LEU A 31 -12.58 3.05 14.10
N SER A 32 -12.53 2.34 15.22
CA SER A 32 -12.71 2.96 16.55
C SER A 32 -11.36 3.39 17.11
N ALA A 33 -10.33 3.41 16.26
CA ALA A 33 -8.98 3.81 16.66
C ALA A 33 -8.54 5.07 15.91
N THR A 34 -7.52 5.75 16.43
CA THR A 34 -6.98 6.93 15.77
C THR A 34 -6.18 6.51 14.52
N VAL A 35 -6.43 7.13 13.37
CA VAL A 35 -5.67 6.79 12.17
C VAL A 35 -4.68 7.93 11.86
N VAL A 36 -3.42 7.55 11.69
CA VAL A 36 -2.36 8.51 11.36
C VAL A 36 -1.87 8.16 9.94
N ASN A 37 -2.22 9.02 8.98
CA ASN A 37 -1.84 8.81 7.59
C ASN A 37 -0.48 9.36 7.25
N ASP A 38 0.54 8.49 7.28
CA ASP A 38 1.90 8.88 6.94
C ASP A 38 2.31 8.54 5.51
N ALA A 39 1.34 8.24 4.65
CA ALA A 39 1.65 7.97 3.22
C ALA A 39 2.05 9.31 2.56
N VAL A 40 2.95 9.24 1.58
CA VAL A 40 3.44 10.43 0.88
C VAL A 40 3.53 10.12 -0.61
N ALA A 41 3.04 11.07 -1.41
CA ALA A 41 3.05 10.89 -2.85
C ALA A 41 4.47 10.71 -3.39
N GLY A 42 4.59 9.79 -4.35
CA GLY A 42 5.84 9.52 -5.04
C GLY A 42 6.86 8.61 -4.37
N ARG A 43 6.56 8.10 -3.19
CA ARG A 43 7.50 7.23 -2.51
C ARG A 43 7.38 5.75 -2.89
N SER A 44 8.51 5.04 -2.79
CA SER A 44 8.61 3.60 -3.02
C SER A 44 9.11 3.01 -1.68
N ALA A 45 9.21 1.68 -1.57
CA ALA A 45 9.75 1.07 -0.32
C ALA A 45 11.19 1.61 -0.07
N ARG A 46 11.95 1.80 -1.16
CA ARG A 46 13.30 2.32 -1.06
C ARG A 46 13.36 3.78 -0.58
N SER A 47 12.68 4.70 -1.27
CA SER A 47 12.76 6.09 -0.87
C SER A 47 12.09 6.36 0.49
N TYR A 48 11.04 5.62 0.81
CA TYR A 48 10.36 5.81 2.12
C TYR A 48 11.36 5.41 3.22
N THR A 49 12.13 4.35 2.97
CA THR A 49 13.15 3.92 3.93
C THR A 49 14.29 4.96 4.02
N ARG A 50 14.81 5.36 2.87
CA ARG A 50 15.92 6.32 2.79
C ARG A 50 15.58 7.66 3.45
N GLU A 51 14.34 8.11 3.31
CA GLU A 51 13.93 9.36 3.89
C GLU A 51 13.67 9.29 5.39
N GLY A 52 13.88 8.11 5.97
CA GLY A 52 13.68 7.93 7.40
C GLY A 52 12.22 7.83 7.83
N ARG A 53 11.31 7.53 6.91
CA ARG A 53 9.89 7.49 7.24
C ARG A 53 9.39 6.26 7.98
N PHE A 54 10.03 5.11 7.73
CA PHE A 54 9.71 3.92 8.49
C PHE A 54 10.29 4.15 9.88
N GLU A 55 11.49 4.74 9.94
CA GLU A 55 12.13 5.02 11.23
C GLU A 55 11.27 5.95 12.12
N ASN A 56 10.66 6.96 11.51
CA ASN A 56 9.80 7.90 12.23
C ASN A 56 8.63 7.17 12.84
N ILE A 57 7.99 6.28 12.08
CA ILE A 57 6.89 5.51 12.63
C ILE A 57 7.41 4.64 13.80
N ALA A 58 8.59 4.00 13.61
CA ALA A 58 9.19 3.14 14.65
C ALA A 58 9.37 3.90 15.97
N ASP A 59 9.78 5.16 15.89
CA ASP A 59 9.97 5.99 17.08
C ASP A 59 8.72 6.16 17.92
N VAL A 60 7.59 6.40 17.27
CA VAL A 60 6.34 6.65 17.99
C VAL A 60 5.36 5.49 18.21
N VAL A 61 5.48 4.43 17.43
CA VAL A 61 4.59 3.29 17.57
C VAL A 61 4.82 2.60 18.91
N THR A 62 3.73 2.16 19.53
CA THR A 62 3.80 1.45 20.80
C THR A 62 3.08 0.11 20.69
N ALA A 63 3.25 -0.71 21.72
CA ALA A 63 2.65 -2.03 21.77
C ALA A 63 1.14 -1.92 21.59
N GLY A 64 0.58 -2.71 20.69
CA GLY A 64 -0.85 -2.67 20.50
C GLY A 64 -1.30 -1.82 19.32
N ASP A 65 -0.42 -0.97 18.83
CA ASP A 65 -0.77 -0.16 17.66
C ASP A 65 -0.66 -1.02 16.41
N TYR A 66 -1.24 -0.53 15.32
CA TYR A 66 -1.17 -1.23 14.03
C TYR A 66 -0.37 -0.37 13.04
N VAL A 67 0.25 -1.03 12.05
CA VAL A 67 0.98 -0.32 11.00
C VAL A 67 0.60 -1.05 9.70
N ILE A 68 -0.01 -0.32 8.77
CA ILE A 68 -0.40 -0.90 7.48
C ILE A 68 0.57 -0.31 6.48
N VAL A 69 1.25 -1.18 5.75
CA VAL A 69 2.27 -0.79 4.78
C VAL A 69 1.83 -1.27 3.39
N GLU A 70 1.76 -0.33 2.45
CA GLU A 70 1.35 -0.69 1.10
C GLU A 70 2.13 0.08 0.04
N PHE A 71 3.07 -0.61 -0.62
CA PHE A 71 3.88 0.01 -1.69
C PHE A 71 3.85 -0.86 -2.93
N GLY A 72 4.37 -0.32 -4.04
CA GLY A 72 4.43 -1.08 -5.28
C GLY A 72 4.35 -0.21 -6.52
N HIS A 73 3.47 0.79 -6.48
CA HIS A 73 3.28 1.67 -7.65
C HIS A 73 4.55 2.32 -8.16
N ASN A 74 5.41 2.76 -7.25
CA ASN A 74 6.64 3.47 -7.63
C ASN A 74 7.93 2.66 -7.50
N ASP A 75 7.79 1.35 -7.33
CA ASP A 75 8.93 0.46 -7.08
C ASP A 75 9.63 -0.16 -8.28
N GLY A 76 9.01 -0.06 -9.45
CA GLY A 76 9.60 -0.61 -10.65
C GLY A 76 10.50 0.38 -11.37
N GLY A 77 10.72 0.10 -12.65
CA GLY A 77 11.57 0.96 -13.43
C GLY A 77 12.97 0.40 -13.62
N SER A 78 13.81 1.22 -14.24
CA SER A 78 15.17 0.86 -14.56
C SER A 78 16.18 1.56 -13.68
N LEU A 79 17.08 0.78 -13.09
CA LEU A 79 18.10 1.34 -12.24
C LEU A 79 19.15 2.07 -13.09
N SER A 80 19.18 1.76 -14.40
CA SER A 80 20.12 2.36 -15.38
C SER A 80 20.04 3.87 -15.40
N THR A 81 18.84 4.40 -15.19
CA THR A 81 18.56 5.84 -15.13
C THR A 81 17.84 5.99 -13.80
N ASP A 82 18.60 5.91 -12.72
CA ASP A 82 18.07 5.94 -11.36
C ASP A 82 17.24 7.15 -10.98
N ASN A 83 15.95 6.91 -10.74
CA ASN A 83 15.04 7.97 -10.30
C ASN A 83 14.93 8.07 -8.76
N GLY A 84 15.72 7.28 -8.06
CA GLY A 84 15.71 7.28 -6.61
C GLY A 84 14.60 6.46 -5.97
N ARG A 85 13.74 5.85 -6.78
CA ARG A 85 12.61 5.06 -6.27
C ARG A 85 12.74 3.57 -6.50
N THR A 86 13.25 3.20 -7.67
CA THR A 86 13.40 1.81 -8.07
C THR A 86 14.17 0.94 -7.08
N ASP A 87 13.57 -0.18 -6.69
CA ASP A 87 14.24 -1.10 -5.77
C ASP A 87 15.20 -2.01 -6.54
N CYS A 88 16.07 -2.71 -5.81
CA CYS A 88 16.99 -3.64 -6.44
C CYS A 88 16.15 -4.85 -6.88
N SER A 89 16.48 -5.48 -8.01
CA SER A 89 15.70 -6.64 -8.48
C SER A 89 15.92 -7.87 -7.57
N GLY A 90 14.91 -8.72 -7.46
CA GLY A 90 15.05 -9.90 -6.64
C GLY A 90 14.02 -9.96 -5.52
N THR A 91 14.04 -11.08 -4.81
CA THR A 91 13.09 -11.30 -3.71
C THR A 91 13.73 -11.51 -2.34
N GLY A 92 15.06 -11.57 -2.31
CA GLY A 92 15.75 -11.81 -1.06
C GLY A 92 16.80 -10.76 -0.65
N ALA A 93 17.98 -11.27 -0.30
CA ALA A 93 19.08 -10.45 0.19
C ALA A 93 19.99 -9.81 -0.87
N GLU A 94 19.50 -9.70 -2.10
CA GLU A 94 20.29 -9.07 -3.16
C GLU A 94 20.48 -7.59 -2.85
N VAL A 95 21.66 -7.08 -3.18
CA VAL A 95 21.97 -5.68 -2.97
C VAL A 95 22.42 -5.06 -4.30
N CYS A 96 21.97 -3.83 -4.57
CA CYS A 96 22.35 -3.07 -5.76
C CYS A 96 23.01 -1.80 -5.24
N TYR A 97 23.86 -1.18 -6.06
CA TYR A 97 24.50 0.08 -5.68
C TYR A 97 24.29 1.04 -6.84
N SER A 98 23.91 2.27 -6.51
CA SER A 98 23.69 3.30 -7.51
C SER A 98 23.92 4.67 -6.91
N VAL A 99 24.56 5.56 -7.68
CA VAL A 99 24.79 6.92 -7.22
C VAL A 99 23.53 7.70 -7.43
N TYR A 100 22.96 8.21 -6.35
CA TYR A 100 21.75 8.99 -6.47
C TYR A 100 21.72 10.12 -5.44
N ASP A 101 21.51 11.34 -5.92
CA ASP A 101 21.42 12.48 -4.99
C ASP A 101 22.73 12.61 -4.18
N GLY A 102 23.86 12.51 -4.89
CA GLY A 102 25.16 12.64 -4.26
C GLY A 102 25.63 11.57 -3.29
N VAL A 103 25.05 10.37 -3.36
CA VAL A 103 25.44 9.27 -2.47
C VAL A 103 25.54 7.95 -3.27
N ASN A 104 26.54 7.11 -2.98
CA ASN A 104 26.61 5.78 -3.63
C ASN A 104 25.70 4.97 -2.69
N GLU A 105 24.43 4.88 -3.03
CA GLU A 105 23.43 4.22 -2.21
C GLU A 105 23.37 2.69 -2.27
N THR A 106 23.24 2.06 -1.11
CA THR A 106 23.06 0.62 -1.03
C THR A 106 21.53 0.43 -1.14
N ILE A 107 21.12 -0.30 -2.17
CA ILE A 107 19.70 -0.52 -2.47
C ILE A 107 19.33 -1.97 -2.30
N LEU A 108 18.26 -2.18 -1.55
CA LEU A 108 17.77 -3.53 -1.26
C LEU A 108 16.59 -3.92 -2.15
N THR A 109 16.13 -5.15 -2.01
CA THR A 109 14.98 -5.61 -2.77
C THR A 109 13.71 -5.08 -2.10
N PHE A 110 12.61 -5.08 -2.85
CA PHE A 110 11.32 -4.65 -2.33
C PHE A 110 10.93 -5.50 -1.07
N PRO A 111 11.05 -6.86 -1.13
CA PRO A 111 10.69 -7.61 0.08
C PRO A 111 11.57 -7.29 1.29
N ALA A 112 12.87 -7.10 1.05
CA ALA A 112 13.82 -6.80 2.14
C ALA A 112 13.45 -5.48 2.86
N TYR A 113 13.11 -4.42 2.10
CA TYR A 113 12.72 -3.18 2.74
C TYR A 113 11.49 -3.38 3.61
N LEU A 114 10.51 -4.12 3.11
CA LEU A 114 9.29 -4.37 3.89
C LEU A 114 9.53 -5.27 5.09
N GLU A 115 10.39 -6.27 4.92
CA GLU A 115 10.73 -7.19 6.01
C GLU A 115 11.47 -6.43 7.12
N ASN A 116 12.44 -5.58 6.75
CA ASN A 116 13.19 -4.81 7.75
C ASN A 116 12.25 -3.89 8.56
N ALA A 117 11.34 -3.19 7.85
CA ALA A 117 10.39 -2.31 8.54
C ALA A 117 9.50 -3.14 9.49
N ALA A 118 8.97 -4.28 9.01
CA ALA A 118 8.12 -5.16 9.83
C ALA A 118 8.84 -5.60 11.11
N LYS A 119 10.14 -5.90 11.00
CA LYS A 119 10.94 -6.31 12.16
C LYS A 119 11.07 -5.20 13.21
N LEU A 120 11.32 -3.96 12.75
CA LEU A 120 11.44 -2.84 13.67
C LEU A 120 10.16 -2.69 14.49
N PHE A 121 9.02 -2.70 13.80
CA PHE A 121 7.72 -2.50 14.44
C PHE A 121 7.30 -3.67 15.31
N THR A 122 7.46 -4.87 14.79
CA THR A 122 7.07 -6.06 15.53
C THR A 122 7.84 -6.21 16.84
N ALA A 123 9.12 -5.85 16.86
CA ALA A 123 9.93 -5.99 18.07
C ALA A 123 9.42 -5.12 19.20
N LYS A 124 8.76 -4.01 18.85
CA LYS A 124 8.19 -3.07 19.82
C LYS A 124 6.78 -3.49 20.24
N GLY A 125 6.25 -4.54 19.63
CA GLY A 125 4.93 -4.99 19.99
C GLY A 125 3.79 -4.50 19.12
N ALA A 126 4.11 -3.90 17.99
CA ALA A 126 3.07 -3.40 17.09
C ALA A 126 2.58 -4.53 16.19
N LYS A 127 1.36 -4.43 15.68
CA LYS A 127 0.82 -5.44 14.76
C LYS A 127 0.97 -4.89 13.34
N VAL A 128 1.76 -5.58 12.53
CA VAL A 128 2.02 -5.14 11.15
C VAL A 128 1.19 -5.89 10.12
N ILE A 129 0.65 -5.13 9.17
CA ILE A 129 -0.15 -5.69 8.10
C ILE A 129 0.46 -5.21 6.80
N LEU A 130 1.01 -6.13 5.99
CA LEU A 130 1.56 -5.75 4.69
C LEU A 130 0.41 -5.93 3.71
N SER A 131 0.20 -4.94 2.86
CA SER A 131 -0.90 -4.98 1.92
C SER A 131 -0.40 -4.81 0.49
N SER A 132 -0.94 -5.56 -0.45
CA SER A 132 -0.51 -5.42 -1.85
C SER A 132 -1.04 -4.10 -2.44
N GLN A 133 -0.31 -3.58 -3.41
CA GLN A 133 -0.68 -2.32 -4.03
C GLN A 133 -2.05 -2.38 -4.72
N THR A 134 -2.66 -1.20 -4.88
CA THR A 134 -3.94 -1.09 -5.57
C THR A 134 -3.67 -1.12 -7.07
N PRO A 135 -4.68 -1.52 -7.85
CA PRO A 135 -4.43 -1.55 -9.29
C PRO A 135 -4.63 -0.21 -10.02
N ASN A 136 -3.88 -0.03 -11.11
CA ASN A 136 -4.12 1.12 -11.97
C ASN A 136 -5.48 0.79 -12.65
N ASN A 137 -6.16 1.79 -13.18
CA ASN A 137 -7.44 1.61 -13.85
C ASN A 137 -7.41 0.36 -14.78
N PRO A 138 -8.14 -0.73 -14.42
CA PRO A 138 -8.15 -1.96 -15.22
C PRO A 138 -9.09 -1.94 -16.42
N TRP A 139 -9.82 -0.84 -16.55
CA TRP A 139 -10.80 -0.61 -17.63
C TRP A 139 -10.32 0.52 -18.54
N GLU A 140 -9.05 0.92 -18.40
CA GLU A 140 -8.50 2.01 -19.22
C GLU A 140 -8.73 1.79 -20.71
N THR A 141 -8.73 0.54 -21.15
CA THR A 141 -8.93 0.26 -22.59
C THR A 141 -10.38 -0.07 -23.00
N GLY A 142 -11.34 0.06 -22.09
CA GLY A 142 -12.72 -0.26 -22.44
C GLY A 142 -13.13 -1.69 -22.11
N THR A 143 -12.15 -2.55 -21.88
CA THR A 143 -12.37 -3.94 -21.49
C THR A 143 -11.59 -4.20 -20.18
N PHE A 144 -12.07 -5.14 -19.38
CA PHE A 144 -11.43 -5.44 -18.10
C PHE A 144 -10.18 -6.31 -18.22
N VAL A 145 -9.09 -5.83 -17.66
CA VAL A 145 -7.82 -6.55 -17.69
C VAL A 145 -7.29 -6.76 -16.26
N ASN A 146 -7.16 -8.01 -15.83
CA ASN A 146 -6.60 -8.31 -14.51
C ASN A 146 -5.12 -8.59 -14.75
N SER A 147 -4.26 -7.68 -14.33
CA SER A 147 -2.84 -7.86 -14.55
C SER A 147 -2.04 -7.39 -13.34
N PRO A 148 -1.89 -8.26 -12.32
CA PRO A 148 -1.12 -7.90 -11.12
C PRO A 148 0.37 -7.70 -11.42
N THR A 149 0.96 -6.77 -10.69
CA THR A 149 2.38 -6.50 -10.87
C THR A 149 3.11 -7.50 -9.98
N ARG A 150 4.44 -7.54 -10.14
CA ARG A 150 5.25 -8.46 -9.35
C ARG A 150 5.19 -8.11 -7.86
N PHE A 151 4.92 -6.84 -7.56
CA PHE A 151 4.89 -6.38 -6.17
C PHE A 151 3.72 -6.94 -5.34
N VAL A 152 2.70 -7.47 -6.03
CA VAL A 152 1.56 -8.08 -5.33
C VAL A 152 2.05 -9.39 -4.67
N GLU A 153 2.70 -10.24 -5.45
CA GLU A 153 3.24 -11.48 -4.91
C GLU A 153 4.37 -11.19 -3.89
N TYR A 154 5.20 -10.20 -4.20
CA TYR A 154 6.31 -9.82 -3.30
C TYR A 154 5.85 -9.40 -1.89
N ALA A 155 4.72 -8.69 -1.82
CA ALA A 155 4.18 -8.26 -0.54
C ALA A 155 3.72 -9.50 0.25
N GLU A 156 3.15 -10.46 -0.46
CA GLU A 156 2.69 -11.68 0.19
C GLU A 156 3.89 -12.49 0.73
N LEU A 157 4.94 -12.56 -0.10
CA LEU A 157 6.18 -13.26 0.26
C LEU A 157 6.80 -12.59 1.49
N ALA A 158 6.84 -11.25 1.48
CA ALA A 158 7.41 -10.50 2.59
C ALA A 158 6.72 -10.75 3.92
N ALA A 159 5.39 -10.78 3.90
CA ALA A 159 4.60 -11.01 5.12
C ALA A 159 4.92 -12.40 5.67
N GLU A 160 5.07 -13.36 4.77
CA GLU A 160 5.35 -14.75 5.10
C GLU A 160 6.73 -14.87 5.78
N VAL A 161 7.74 -14.23 5.20
CA VAL A 161 9.10 -14.21 5.73
C VAL A 161 9.22 -13.44 7.05
N ALA A 162 8.51 -12.33 7.16
CA ALA A 162 8.59 -11.54 8.39
C ALA A 162 7.69 -12.07 9.51
N GLY A 163 6.77 -12.96 9.17
CA GLY A 163 5.84 -13.51 10.15
C GLY A 163 4.72 -12.54 10.57
N VAL A 164 4.29 -11.69 9.64
CA VAL A 164 3.23 -10.73 9.94
C VAL A 164 2.00 -10.98 9.06
N GLU A 165 0.95 -10.19 9.19
CA GLU A 165 -0.23 -10.44 8.40
C GLU A 165 -0.16 -9.83 7.00
N TYR A 166 -0.91 -10.43 6.08
CA TYR A 166 -1.01 -9.98 4.69
C TYR A 166 -2.47 -9.77 4.27
N VAL A 167 -2.75 -8.68 3.58
CA VAL A 167 -4.10 -8.40 3.08
C VAL A 167 -3.92 -8.16 1.58
N ASP A 168 -4.65 -8.92 0.77
CA ASP A 168 -4.55 -8.79 -0.66
C ASP A 168 -5.47 -7.69 -1.15
N HIS A 169 -5.06 -6.45 -0.91
CA HIS A 169 -5.83 -5.28 -1.32
C HIS A 169 -6.02 -5.28 -2.84
N TRP A 170 -4.99 -5.66 -3.60
CA TRP A 170 -5.08 -5.69 -5.05
C TRP A 170 -6.29 -6.48 -5.55
N SER A 171 -6.39 -7.73 -5.12
CA SER A 171 -7.48 -8.60 -5.58
C SER A 171 -8.87 -8.11 -5.20
N TYR A 172 -8.97 -7.53 -4.01
CA TYR A 172 -10.25 -7.04 -3.55
C TYR A 172 -10.71 -5.81 -4.31
N VAL A 173 -9.78 -4.93 -4.66
CA VAL A 173 -10.12 -3.75 -5.46
C VAL A 173 -10.46 -4.17 -6.90
N ASP A 174 -9.62 -5.02 -7.49
CA ASP A 174 -9.89 -5.49 -8.86
C ASP A 174 -11.20 -6.25 -9.01
N SER A 175 -11.58 -7.02 -7.99
CA SER A 175 -12.84 -7.75 -7.98
C SER A 175 -14.04 -6.77 -7.99
N ILE A 176 -13.99 -5.73 -7.15
CA ILE A 176 -15.07 -4.76 -7.15
C ILE A 176 -15.09 -3.88 -8.43
N TYR A 177 -13.91 -3.57 -8.98
CA TYR A 177 -13.84 -2.79 -10.21
C TYR A 177 -14.45 -3.57 -11.35
N GLU A 178 -14.20 -4.87 -11.38
CA GLU A 178 -14.75 -5.70 -12.44
C GLU A 178 -16.25 -5.67 -12.42
N THR A 179 -16.83 -5.71 -11.21
CA THR A 179 -18.28 -5.70 -11.12
C THR A 179 -18.90 -4.32 -11.33
N LEU A 180 -18.16 -3.24 -11.03
CA LEU A 180 -18.69 -1.88 -11.21
C LEU A 180 -18.83 -1.50 -12.70
N GLY A 181 -17.98 -2.07 -13.54
CA GLY A 181 -18.10 -1.78 -14.95
C GLY A 181 -17.23 -0.67 -15.45
N ASN A 182 -17.17 -0.58 -16.79
CA ASN A 182 -16.36 0.40 -17.49
C ASN A 182 -16.60 1.90 -17.20
N ALA A 183 -17.84 2.35 -17.38
CA ALA A 183 -18.18 3.76 -17.17
C ALA A 183 -17.88 4.25 -15.76
N THR A 184 -18.35 3.50 -14.76
CA THR A 184 -18.13 3.88 -13.37
C THR A 184 -16.67 3.89 -12.97
N VAL A 185 -15.94 2.82 -13.25
CA VAL A 185 -14.53 2.79 -12.86
C VAL A 185 -13.69 3.89 -13.55
N ASN A 186 -13.98 4.17 -14.83
CA ASN A 186 -13.26 5.22 -15.53
C ASN A 186 -13.50 6.60 -14.90
N SER A 187 -14.67 6.77 -14.29
CA SER A 187 -15.00 8.03 -13.64
C SER A 187 -14.17 8.22 -12.37
N TYR A 188 -13.60 7.13 -11.85
CA TYR A 188 -12.76 7.21 -10.66
C TYR A 188 -11.35 7.68 -10.99
N PHE A 189 -11.00 7.72 -12.28
CA PHE A 189 -9.65 8.13 -12.70
C PHE A 189 -9.74 9.36 -13.59
N PRO A 190 -9.85 10.54 -12.96
CA PRO A 190 -9.99 11.83 -13.66
C PRO A 190 -8.83 12.40 -14.47
N ILE A 191 -7.60 12.11 -14.09
CA ILE A 191 -6.48 12.70 -14.80
C ILE A 191 -5.41 11.76 -15.31
N ASP A 192 -5.42 10.52 -14.83
CA ASP A 192 -4.43 9.54 -15.27
C ASP A 192 -4.97 8.18 -14.87
N HIS A 193 -4.22 7.11 -15.15
CA HIS A 193 -4.69 5.77 -14.79
C HIS A 193 -4.34 5.29 -13.38
N THR A 194 -3.78 6.16 -12.55
CA THR A 194 -3.37 5.77 -11.20
C THR A 194 -4.13 6.44 -10.04
N HIS A 195 -4.29 7.75 -10.11
CA HIS A 195 -4.90 8.48 -9.00
C HIS A 195 -6.40 8.53 -8.97
N THR A 196 -6.95 8.10 -7.84
CA THR A 196 -8.40 8.04 -7.69
C THR A 196 -9.02 9.36 -7.23
N SER A 197 -10.25 9.59 -7.70
CA SER A 197 -11.07 10.73 -7.31
C SER A 197 -11.53 10.38 -5.87
N PRO A 198 -12.20 11.31 -5.16
CA PRO A 198 -12.65 10.97 -3.79
C PRO A 198 -13.59 9.75 -3.72
N ALA A 199 -14.43 9.58 -4.73
CA ALA A 199 -15.34 8.43 -4.77
C ALA A 199 -14.56 7.13 -4.98
N GLY A 200 -13.55 7.16 -5.87
CA GLY A 200 -12.75 5.96 -6.10
C GLY A 200 -11.95 5.59 -4.85
N ALA A 201 -11.46 6.61 -4.14
CA ALA A 201 -10.70 6.42 -2.92
C ALA A 201 -11.56 5.74 -1.83
N GLU A 202 -12.83 6.16 -1.75
CA GLU A 202 -13.78 5.57 -0.81
C GLU A 202 -13.99 4.08 -1.16
N VAL A 203 -14.22 3.79 -2.44
CA VAL A 203 -14.39 2.40 -2.90
C VAL A 203 -13.13 1.57 -2.58
N VAL A 204 -11.94 2.14 -2.80
CA VAL A 204 -10.68 1.46 -2.52
C VAL A 204 -10.52 1.18 -1.01
N ALA A 205 -10.90 2.13 -0.16
CA ALA A 205 -10.82 1.96 1.31
C ALA A 205 -11.83 0.86 1.74
N GLU A 206 -13.05 0.87 1.18
CA GLU A 206 -14.04 -0.16 1.50
C GLU A 206 -13.55 -1.54 1.08
N ALA A 207 -12.86 -1.61 -0.06
CA ALA A 207 -12.33 -2.90 -0.53
C ALA A 207 -11.26 -3.43 0.43
N PHE A 208 -10.48 -2.54 1.06
CA PHE A 208 -9.46 -2.98 2.01
C PHE A 208 -10.17 -3.58 3.21
N LEU A 209 -11.23 -2.91 3.66
CA LEU A 209 -11.98 -3.39 4.81
C LEU A 209 -12.70 -4.71 4.52
N LYS A 210 -13.19 -4.87 3.28
CA LYS A 210 -13.85 -6.11 2.87
C LYS A 210 -12.84 -7.26 2.99
N ALA A 211 -11.61 -7.02 2.53
CA ALA A 211 -10.50 -7.97 2.58
C ALA A 211 -10.16 -8.33 4.03
N VAL A 212 -10.14 -7.34 4.93
CA VAL A 212 -9.86 -7.58 6.34
C VAL A 212 -10.90 -8.53 7.00
N VAL A 213 -12.18 -8.25 6.76
CA VAL A 213 -13.30 -9.04 7.31
C VAL A 213 -13.30 -10.48 6.74
N CYS A 214 -13.06 -10.59 5.43
CA CYS A 214 -13.06 -11.89 4.77
C CYS A 214 -11.93 -12.79 5.20
N THR A 215 -10.77 -12.19 5.46
CA THR A 215 -9.58 -12.97 5.84
C THR A 215 -9.35 -13.10 7.37
N GLY A 216 -10.10 -12.35 8.16
CA GLY A 216 -9.94 -12.42 9.60
C GLY A 216 -8.69 -11.74 10.10
N THR A 217 -8.26 -10.67 9.43
CA THR A 217 -7.07 -9.92 9.85
C THR A 217 -7.34 -9.31 11.21
N SER A 218 -6.31 -9.19 12.04
CA SER A 218 -6.41 -8.64 13.41
C SER A 218 -7.09 -7.30 13.52
N LEU A 219 -6.99 -6.48 12.47
CA LEU A 219 -7.60 -5.16 12.46
C LEU A 219 -9.11 -5.22 12.68
N LYS A 220 -9.67 -6.40 12.44
CA LYS A 220 -11.07 -6.75 12.62
C LYS A 220 -11.56 -6.21 13.97
N SER A 221 -10.69 -6.23 14.98
CA SER A 221 -11.02 -5.78 16.34
C SER A 221 -11.41 -4.32 16.53
N VAL A 222 -10.93 -3.44 15.65
CA VAL A 222 -11.28 -2.03 15.76
C VAL A 222 -12.23 -1.54 14.66
N LEU A 223 -12.77 -2.45 13.87
CA LEU A 223 -13.72 -2.10 12.79
C LEU A 223 -15.10 -1.81 13.39
N THR A 224 -15.74 -0.72 12.95
CA THR A 224 -17.04 -0.34 13.46
C THR A 224 -18.21 -1.00 12.72
N THR A 225 -17.94 -1.49 11.51
CA THR A 225 -18.97 -2.12 10.68
C THR A 225 -18.37 -3.10 9.68
N THR A 226 -19.17 -4.07 9.25
CA THR A 226 -18.74 -5.07 8.25
C THR A 226 -19.65 -5.02 7.02
N SER A 227 -20.46 -3.96 6.91
CA SER A 227 -21.38 -3.80 5.79
C SER A 227 -20.70 -3.12 4.60
N PHE A 228 -20.14 -3.95 3.71
CA PHE A 228 -19.44 -3.50 2.49
C PHE A 228 -19.84 -4.44 1.36
N GLU A 229 -20.05 -3.90 0.17
CA GLU A 229 -20.42 -4.71 -0.98
C GLU A 229 -19.26 -5.61 -1.45
N GLY A 230 -19.57 -6.49 -2.41
CA GLY A 230 -18.57 -7.41 -2.92
C GLY A 230 -18.69 -8.75 -2.20
N THR A 231 -17.80 -9.68 -2.53
CA THR A 231 -17.82 -11.00 -1.92
C THR A 231 -16.41 -11.39 -1.46
N CYS A 232 -16.28 -12.42 -0.64
CA CYS A 232 -14.97 -12.87 -0.19
C CYS A 232 -14.23 -13.57 -1.35
N LEU A 233 -12.96 -13.16 -1.49
CA LEU A 233 -11.98 -13.52 -2.54
C LEU A 233 -11.99 -12.47 -3.69
#